data_4X1T
#
_entry.id   4X1T
#
_cell.length_a   139.250
_cell.length_b   139.250
_cell.length_c   38.270
_cell.angle_alpha   90.00
_cell.angle_beta   90.00
_cell.angle_gamma   120.00
#
_symmetry.space_group_name_H-M   'P 63'
#
loop_
_entity.id
_entity.type
_entity.pdbx_description
1 polymer 'Monogalactosyldiacylglycerol synthase 1, chloroplastic'
2 non-polymer "URIDINE-5'-DIPHOSPHATE"
3 non-polymer 1,2-ETHANEDIOL
4 water water
#
_entity_poly.entity_id   1
_entity_poly.type   'polypeptide(L)'
_entity_poly.pdbx_seq_one_letter_code
;EADRPKKVLILMSDTGGGHRASAEAIRAAFNQEFGDEYQVFITDLWTDHTPWPFNQLPRSYNFLVKHGTLWKMTYYGTSP
RIVHQSNFAATSTFIAREIAQGLMKYQPDIIISVHPLMQHVPLRVLRSKGLLKKIVFTTVITDLSTCHPTWFHKLVTRCY
CPSTEVAKRAQKAGLETSQIKVYGLPVRPSFVKPVRPKVELRRELGMDENLPAVLLMGGGEGMGPIEATARALADALYDK
NLGEAVGQVLIICGRNKKLQSKLSSLDWKIPVQVKGFITKMEECMGACDCIITKAGPGTIAEAMIRGLPIILNGYIAGQE
AGNVPYVVENGCGKFSKSPKEISKIVADWFGPASKELEIMSQNALRLAKPEAVFKIVHDMHELVRKKNSLPQLSCTAAAA
LEHHHHHH
;
_entity_poly.pdbx_strand_id   A
#
# COMPACT_ATOMS: atom_id res chain seq x y z
N LYS A 6 -4.73 24.69 13.78
CA LYS A 6 -3.65 24.91 12.83
C LYS A 6 -4.01 24.37 11.45
N LYS A 7 -3.35 24.88 10.42
CA LYS A 7 -3.66 24.55 9.05
C LYS A 7 -2.66 23.55 8.46
N VAL A 8 -3.16 22.42 7.97
CA VAL A 8 -2.33 21.43 7.30
C VAL A 8 -2.68 21.38 5.82
N LEU A 9 -1.68 21.59 4.97
CA LEU A 9 -1.91 21.57 3.53
C LEU A 9 -1.14 20.45 2.85
N ILE A 10 -1.87 19.43 2.41
CA ILE A 10 -1.30 18.35 1.62
C ILE A 10 -1.54 18.63 0.15
N LEU A 11 -0.54 18.33 -0.68
CA LEU A 11 -0.65 18.58 -2.10
C LEU A 11 -0.26 17.32 -2.86
N MET A 12 -0.94 17.06 -3.97
CA MET A 12 -0.77 15.81 -4.69
C MET A 12 -1.44 15.86 -6.06
N SER A 13 -0.82 15.21 -7.03
CA SER A 13 -1.33 15.18 -8.40
C SER A 13 -2.37 14.09 -8.57
N ASP A 14 -3.62 14.48 -8.58
CA ASP A 14 -4.68 13.52 -8.71
C ASP A 14 -4.55 12.85 -10.07
N THR A 15 -3.69 13.38 -10.94
CA THR A 15 -3.65 13.02 -12.33
C THR A 15 -3.00 11.69 -12.17
N GLY A 16 -3.76 10.84 -11.49
CA GLY A 16 -3.41 9.44 -11.38
C GLY A 16 -2.51 9.04 -10.24
N GLY A 17 -1.35 9.68 -10.17
CA GLY A 17 -0.32 9.26 -9.25
C GLY A 17 -0.32 9.85 -7.86
N GLY A 18 -1.24 10.75 -7.59
CA GLY A 18 -1.50 11.17 -6.22
C GLY A 18 -0.20 11.34 -5.46
N HIS A 19 -0.13 10.78 -4.28
CA HIS A 19 -0.79 9.57 -3.92
C HIS A 19 -2.00 9.84 -3.01
N ARG A 20 -3.22 9.71 -3.53
CA ARG A 20 -4.40 9.90 -2.68
C ARG A 20 -4.35 9.06 -1.40
N ALA A 21 -4.11 7.76 -1.57
CA ALA A 21 -4.12 6.82 -0.44
C ALA A 21 -3.31 7.34 0.74
N SER A 22 -2.15 7.94 0.45
CA SER A 22 -1.26 8.44 1.48
C SER A 22 -1.79 9.73 2.09
N ALA A 23 -2.38 10.59 1.26
CA ALA A 23 -2.90 11.87 1.72
C ALA A 23 -4.04 11.67 2.71
N GLU A 24 -4.97 10.81 2.35
CA GLU A 24 -6.12 10.58 3.18
C GLU A 24 -5.73 9.85 4.44
N ALA A 25 -4.77 8.97 4.34
CA ALA A 25 -4.26 8.24 5.49
C ALA A 25 -3.69 9.22 6.50
N ILE A 26 -2.91 10.18 6.01
CA ILE A 26 -2.32 11.23 6.85
C ILE A 26 -3.40 12.10 7.48
N ARG A 27 -4.34 12.58 6.69
CA ARG A 27 -5.44 13.35 7.23
C ARG A 27 -6.15 12.60 8.30
N ALA A 28 -6.42 11.35 8.04
CA ALA A 28 -7.07 10.50 9.02
C ALA A 28 -6.25 10.43 10.31
N ALA A 29 -4.94 10.36 10.15
CA ALA A 29 -4.02 10.32 11.29
C ALA A 29 -4.16 11.57 12.14
N PHE A 30 -4.16 12.73 11.50
CA PHE A 30 -4.31 14.00 12.21
C PHE A 30 -5.60 14.03 13.03
N ASN A 31 -6.73 13.85 12.35
CA ASN A 31 -8.03 13.92 13.00
C ASN A 31 -8.10 13.00 14.22
N GLN A 32 -7.59 11.78 14.08
CA GLN A 32 -7.69 10.77 15.13
C GLN A 32 -6.76 11.06 16.31
N GLU A 33 -5.66 11.75 16.05
CA GLU A 33 -4.64 11.96 17.08
C GLU A 33 -4.80 13.27 17.83
N PHE A 34 -4.87 14.38 17.09
CA PHE A 34 -4.89 15.70 17.70
C PHE A 34 -6.26 16.36 17.65
N GLY A 35 -7.27 15.60 17.22
CA GLY A 35 -8.63 16.13 17.13
C GLY A 35 -8.71 17.37 16.28
N ASP A 36 -9.48 18.35 16.75
CA ASP A 36 -9.70 19.59 15.99
C ASP A 36 -8.52 20.54 16.13
N GLU A 37 -7.53 20.16 16.94
CA GLU A 37 -6.30 20.93 17.08
C GLU A 37 -5.73 21.29 15.72
N TYR A 38 -5.89 20.40 14.76
CA TYR A 38 -5.44 20.63 13.40
C TYR A 38 -6.60 20.65 12.41
N GLN A 39 -6.40 21.33 11.29
CA GLN A 39 -7.39 21.37 10.24
C GLN A 39 -6.68 21.18 8.89
N VAL A 40 -6.94 20.05 8.26
CA VAL A 40 -6.16 19.62 7.10
C VAL A 40 -6.94 19.70 5.79
N PHE A 41 -6.22 19.97 4.71
CA PHE A 41 -6.82 20.08 3.37
C PHE A 41 -5.93 19.39 2.35
N ILE A 42 -6.53 18.52 1.54
CA ILE A 42 -5.79 17.83 0.48
C ILE A 42 -5.90 18.62 -0.82
N THR A 43 -4.83 18.62 -1.60
CA THR A 43 -4.80 19.34 -2.86
C THR A 43 -3.84 18.67 -3.84
N GLN A 107 -4.26 29.05 5.05
CA GLN A 107 -2.98 29.62 5.49
C GLN A 107 -2.23 28.61 6.36
N PRO A 108 -1.41 27.76 5.73
CA PRO A 108 -0.81 26.54 6.30
C PRO A 108 0.38 26.78 7.22
N ASP A 109 0.41 26.07 8.35
CA ASP A 109 1.57 26.08 9.25
C ASP A 109 2.53 24.99 8.82
N ILE A 110 1.99 23.81 8.55
CA ILE A 110 2.78 22.69 8.03
C ILE A 110 2.34 22.38 6.60
N ILE A 111 3.28 21.95 5.77
CA ILE A 111 2.98 21.64 4.38
C ILE A 111 3.62 20.31 3.99
N ILE A 112 2.77 19.40 3.50
CA ILE A 112 3.20 18.05 3.19
C ILE A 112 3.08 17.75 1.70
N SER A 113 4.15 17.23 1.12
CA SER A 113 4.12 16.76 -0.27
C SER A 113 4.18 15.24 -0.33
N VAL A 114 3.19 14.65 -1.00
CA VAL A 114 3.20 13.21 -1.27
C VAL A 114 3.30 12.98 -2.76
N HIS A 115 4.26 13.64 -3.39
CA HIS A 115 4.42 13.59 -4.84
C HIS A 115 5.84 14.02 -5.25
N PRO A 116 6.43 13.35 -6.25
CA PRO A 116 7.83 13.57 -6.67
C PRO A 116 8.08 14.84 -7.49
N LEU A 117 7.07 15.67 -7.69
CA LEU A 117 7.20 16.87 -8.54
C LEU A 117 6.49 18.04 -7.88
N MET A 118 6.35 17.98 -6.57
CA MET A 118 5.75 19.07 -5.82
C MET A 118 6.68 19.36 -4.65
N GLN A 119 7.97 19.42 -4.95
CA GLN A 119 9.00 19.77 -3.97
C GLN A 119 9.64 21.09 -4.35
N HIS A 120 10.44 21.07 -5.42
CA HIS A 120 11.20 22.25 -5.85
C HIS A 120 10.33 23.50 -5.98
N VAL A 121 9.34 23.46 -6.87
CA VAL A 121 8.53 24.64 -7.12
C VAL A 121 7.84 25.12 -5.83
N PRO A 122 7.06 24.24 -5.17
CA PRO A 122 6.42 24.67 -3.93
C PRO A 122 7.41 25.24 -2.91
N LEU A 123 8.68 24.85 -3.01
CA LEU A 123 9.70 25.35 -2.11
C LEU A 123 10.18 26.73 -2.50
N ARG A 124 10.47 26.92 -3.79
CA ARG A 124 10.89 28.21 -4.31
C ARG A 124 9.87 29.29 -3.95
N VAL A 125 8.60 28.89 -3.83
CA VAL A 125 7.53 29.80 -3.47
C VAL A 125 7.67 30.27 -2.03
N LEU A 126 8.32 29.45 -1.20
CA LEU A 126 8.53 29.78 0.21
C LEU A 126 9.89 30.43 0.43
N ARG A 127 10.77 30.32 -0.56
CA ARG A 127 12.10 30.91 -0.47
C ARG A 127 12.13 32.32 -1.03
N SER A 128 11.35 32.55 -2.08
CA SER A 128 11.31 33.85 -2.75
C SER A 128 10.25 34.75 -2.13
N LYS A 129 9.74 34.35 -0.97
CA LYS A 129 8.90 35.21 -0.15
C LYS A 129 9.42 35.29 1.30
N GLY A 130 10.14 34.25 1.72
CA GLY A 130 10.68 34.19 3.07
C GLY A 130 9.70 33.59 4.05
N LEU A 131 8.65 32.96 3.53
CA LEU A 131 7.66 32.30 4.37
C LEU A 131 8.14 30.90 4.75
N LEU A 132 9.38 30.58 4.40
CA LEU A 132 9.96 29.29 4.74
C LEU A 132 10.06 29.10 6.25
N LYS A 133 10.90 29.92 6.89
CA LYS A 133 11.13 29.79 8.32
C LYS A 133 9.82 29.85 9.10
N LYS A 134 8.77 30.34 8.45
CA LYS A 134 7.45 30.39 9.08
C LYS A 134 6.81 29.01 9.10
N ILE A 135 6.52 28.48 7.91
CA ILE A 135 5.80 27.21 7.80
C ILE A 135 6.75 26.05 7.46
N VAL A 136 6.44 24.88 8.01
CA VAL A 136 7.28 23.70 7.81
C VAL A 136 6.96 23.05 6.48
N PHE A 137 7.99 22.50 5.83
CA PHE A 137 7.80 21.80 4.56
C PHE A 137 8.38 20.40 4.63
N THR A 138 7.51 19.40 4.63
CA THR A 138 7.92 18.02 4.74
C THR A 138 7.68 17.27 3.43
N THR A 139 7.98 15.99 3.42
CA THR A 139 7.80 15.16 2.23
C THR A 139 7.64 13.69 2.62
N VAL A 140 6.62 13.05 2.06
CA VAL A 140 6.39 11.64 2.31
C VAL A 140 6.57 10.84 1.02
N ILE A 141 7.71 10.18 0.92
CA ILE A 141 8.07 9.44 -0.29
C ILE A 141 7.24 8.17 -0.44
N THR A 142 6.80 7.89 -1.66
CA THR A 142 5.85 6.80 -1.91
C THR A 142 6.40 5.71 -2.82
N ASP A 143 7.57 5.89 -3.39
CA ASP A 143 8.24 4.78 -4.03
C ASP A 143 8.99 4.05 -2.96
N LEU A 144 9.19 2.76 -3.13
CA LEU A 144 9.76 1.91 -2.08
C LEU A 144 11.22 1.58 -2.35
N SER A 145 11.69 1.85 -3.57
CA SER A 145 13.07 1.55 -3.95
C SER A 145 13.41 2.16 -5.31
N THR A 146 14.69 2.40 -5.54
CA THR A 146 15.16 2.96 -6.80
C THR A 146 14.32 4.18 -7.18
N CYS A 147 14.31 5.17 -6.29
CA CYS A 147 13.44 6.33 -6.43
C CYS A 147 13.82 7.24 -7.58
N HIS A 148 12.97 8.22 -7.84
CA HIS A 148 13.29 9.34 -8.71
C HIS A 148 13.80 10.47 -7.82
N PRO A 149 15.07 10.86 -8.00
CA PRO A 149 15.75 11.87 -7.17
C PRO A 149 14.92 13.10 -6.82
N THR A 150 13.85 13.35 -7.56
CA THR A 150 13.03 14.53 -7.35
C THR A 150 12.32 14.56 -5.99
N TRP A 151 12.28 13.42 -5.29
CA TRP A 151 11.71 13.37 -3.95
C TRP A 151 12.58 14.13 -2.96
N PHE A 152 13.88 14.19 -3.27
CA PHE A 152 14.86 14.70 -2.33
C PHE A 152 15.20 16.15 -2.59
N HIS A 153 15.08 16.97 -1.56
CA HIS A 153 15.47 18.37 -1.64
C HIS A 153 16.08 18.89 -0.32
N LYS A 154 17.24 19.53 -0.40
CA LYS A 154 18.01 19.92 0.77
C LYS A 154 17.22 20.88 1.64
N LEU A 155 16.39 21.71 1.03
CA LEU A 155 15.63 22.72 1.76
C LEU A 155 14.44 22.12 2.48
N VAL A 156 14.35 20.79 2.48
CA VAL A 156 13.27 20.10 3.17
C VAL A 156 13.57 19.99 4.65
N THR A 157 12.58 20.29 5.48
CA THR A 157 12.72 20.13 6.92
C THR A 157 12.85 18.65 7.27
N ARG A 158 11.93 17.85 6.72
CA ARG A 158 11.94 16.42 6.92
C ARG A 158 11.50 15.67 5.68
N CYS A 159 12.17 14.56 5.41
CA CYS A 159 11.82 13.69 4.30
C CYS A 159 11.58 12.30 4.86
N TYR A 160 10.32 11.89 4.87
CA TYR A 160 9.97 10.63 5.42
C TYR A 160 10.14 9.50 4.43
N CYS A 161 10.82 8.47 4.87
CA CYS A 161 11.25 7.44 4.00
C CYS A 161 10.59 6.16 4.36
N PRO A 162 10.17 5.42 3.25
CA PRO A 162 9.47 4.17 3.61
C PRO A 162 10.38 3.00 3.84
N SER A 163 11.65 3.16 3.58
CA SER A 163 12.61 2.08 3.79
C SER A 163 14.03 2.60 3.97
N THR A 164 14.91 1.71 4.42
CA THR A 164 16.32 2.03 4.59
C THR A 164 16.99 2.25 3.23
N GLU A 165 16.57 1.48 2.23
CA GLU A 165 17.08 1.63 0.87
C GLU A 165 16.94 3.08 0.42
N VAL A 166 15.79 3.68 0.71
CA VAL A 166 15.51 5.06 0.30
C VAL A 166 16.23 6.05 1.20
N ALA A 167 16.26 5.77 2.49
CA ALA A 167 16.98 6.63 3.44
C ALA A 167 18.43 6.78 3.02
N LYS A 168 19.10 5.64 2.84
CA LYS A 168 20.50 5.62 2.42
C LYS A 168 20.65 6.29 1.05
N ARG A 169 19.56 6.33 0.30
CA ARG A 169 19.53 7.02 -0.98
C ARG A 169 19.44 8.53 -0.76
N ALA A 170 18.66 8.94 0.24
CA ALA A 170 18.55 10.35 0.59
C ALA A 170 19.88 10.89 1.08
N GLN A 171 20.62 10.05 1.81
CA GLN A 171 21.95 10.43 2.27
C GLN A 171 22.84 10.79 1.08
N LYS A 172 22.76 9.99 0.02
CA LYS A 172 23.50 10.26 -1.19
C LYS A 172 23.07 11.59 -1.82
N ALA A 173 21.79 11.91 -1.67
CA ALA A 173 21.27 13.18 -2.18
C ALA A 173 21.82 14.35 -1.38
N GLY A 174 22.38 14.07 -0.21
CA GLY A 174 22.98 15.08 0.62
C GLY A 174 22.03 15.64 1.67
N LEU A 175 20.94 14.92 1.91
CA LEU A 175 20.04 15.28 3.00
C LEU A 175 20.66 14.84 4.32
N GLU A 176 20.76 15.78 5.25
CA GLU A 176 21.42 15.52 6.53
C GLU A 176 20.57 14.57 7.38
N THR A 177 21.19 13.89 8.32
CA THR A 177 20.50 12.90 9.14
C THR A 177 19.27 13.50 9.84
N SER A 178 19.35 14.79 10.19
CA SER A 178 18.27 15.47 10.89
C SER A 178 17.14 15.84 9.94
N GLN A 179 17.32 15.52 8.66
CA GLN A 179 16.36 15.81 7.60
C GLN A 179 15.65 14.54 7.15
N ILE A 180 16.00 13.40 7.76
CA ILE A 180 15.53 12.12 7.27
C ILE A 180 14.88 11.29 8.36
N LYS A 181 13.68 10.79 8.07
CA LYS A 181 13.01 9.83 8.95
C LYS A 181 12.68 8.57 8.18
N VAL A 182 12.77 7.42 8.84
CA VAL A 182 12.42 6.14 8.23
C VAL A 182 11.33 5.49 9.07
N TYR A 183 10.11 5.98 8.91
CA TYR A 183 8.97 5.47 9.67
C TYR A 183 8.20 4.43 8.86
N GLY A 184 8.44 4.42 7.55
CA GLY A 184 7.70 3.55 6.67
C GLY A 184 6.67 4.30 5.86
N LEU A 185 5.99 3.59 4.98
CA LEU A 185 4.98 4.17 4.11
C LEU A 185 3.69 4.32 4.93
N PRO A 186 3.14 5.55 5.00
CA PRO A 186 1.93 5.78 5.81
C PRO A 186 0.73 4.98 5.35
N VAL A 187 0.13 4.24 6.27
CA VAL A 187 -1.07 3.46 5.98
C VAL A 187 -2.21 3.95 6.86
N ARG A 188 -3.44 3.84 6.37
CA ARG A 188 -4.61 4.33 7.08
C ARG A 188 -4.64 3.84 8.53
N PRO A 189 -4.86 4.74 9.48
CA PRO A 189 -5.08 4.32 10.87
C PRO A 189 -6.24 3.34 10.96
N SER A 190 -7.22 3.48 10.07
CA SER A 190 -8.39 2.62 10.04
C SER A 190 -8.01 1.20 9.62
N PHE A 191 -6.80 1.08 9.10
CA PHE A 191 -6.32 -0.20 8.62
C PHE A 191 -5.61 -0.92 9.75
N VAL A 192 -5.00 -0.19 10.64
CA VAL A 192 -3.95 -0.78 11.48
C VAL A 192 -4.40 -1.31 12.82
N LYS A 193 -5.70 -1.29 13.01
CA LYS A 193 -6.30 -1.89 14.18
C LYS A 193 -6.07 -3.35 14.04
N PRO A 194 -5.88 -4.08 15.21
CA PRO A 194 -5.21 -5.38 14.97
C PRO A 194 -6.05 -6.60 14.58
N VAL A 195 -5.36 -7.73 14.49
CA VAL A 195 -5.81 -8.90 13.75
C VAL A 195 -7.00 -9.61 14.41
N ARG A 196 -7.97 -9.99 13.58
CA ARG A 196 -9.06 -10.86 14.00
C ARG A 196 -8.77 -12.26 13.45
N PRO A 197 -9.36 -13.29 14.08
CA PRO A 197 -9.04 -14.65 13.62
C PRO A 197 -9.51 -14.89 12.19
N LYS A 198 -8.77 -15.72 11.46
CA LYS A 198 -8.98 -15.92 10.03
C LYS A 198 -10.33 -16.57 9.74
N VAL A 199 -10.75 -17.48 10.61
CA VAL A 199 -12.00 -18.21 10.40
C VAL A 199 -13.17 -17.23 10.47
N GLU A 200 -13.12 -16.31 11.43
CA GLU A 200 -14.19 -15.35 11.65
C GLU A 200 -14.31 -14.39 10.47
N LEU A 201 -13.17 -13.86 10.02
CA LEU A 201 -13.14 -12.92 8.91
C LEU A 201 -13.72 -13.57 7.65
N ARG A 202 -13.34 -14.82 7.40
CA ARG A 202 -13.82 -15.55 6.25
C ARG A 202 -15.33 -15.76 6.32
N ARG A 203 -15.82 -16.15 7.50
CA ARG A 203 -17.24 -16.38 7.67
C ARG A 203 -18.03 -15.12 7.36
N GLU A 204 -17.54 -13.98 7.85
CA GLU A 204 -18.19 -12.69 7.62
C GLU A 204 -18.26 -12.33 6.14
N LEU A 205 -17.29 -12.80 5.37
CA LEU A 205 -17.19 -12.45 3.96
C LEU A 205 -17.86 -13.48 3.05
N GLY A 206 -18.33 -14.59 3.63
CA GLY A 206 -18.99 -15.62 2.85
C GLY A 206 -18.01 -16.55 2.19
N MET A 207 -16.76 -16.53 2.67
CA MET A 207 -15.72 -17.40 2.15
C MET A 207 -15.76 -18.75 2.87
N ASP A 208 -15.18 -19.77 2.26
CA ASP A 208 -14.99 -21.05 2.95
C ASP A 208 -14.06 -20.80 4.13
N GLU A 209 -14.26 -21.53 5.22
CA GLU A 209 -13.54 -21.28 6.45
C GLU A 209 -12.12 -21.86 6.45
N ASN A 210 -11.92 -22.96 5.75
CA ASN A 210 -10.70 -23.74 5.88
C ASN A 210 -9.75 -23.64 4.69
N LEU A 211 -10.30 -23.41 3.51
CA LEU A 211 -9.50 -23.35 2.30
C LEU A 211 -8.57 -22.13 2.29
N PRO A 212 -7.30 -22.34 1.93
CA PRO A 212 -6.41 -21.19 1.77
C PRO A 212 -6.97 -20.26 0.70
N ALA A 213 -6.77 -18.95 0.87
CA ALA A 213 -7.42 -17.98 0.02
C ALA A 213 -6.43 -16.98 -0.57
N VAL A 214 -6.57 -16.71 -1.86
CA VAL A 214 -5.78 -15.67 -2.50
C VAL A 214 -6.66 -14.44 -2.75
N LEU A 215 -6.16 -13.29 -2.31
CA LEU A 215 -6.80 -12.00 -2.59
C LEU A 215 -6.31 -11.48 -3.94
N LEU A 216 -7.26 -11.16 -4.82
CA LEU A 216 -6.95 -10.66 -6.15
C LEU A 216 -7.56 -9.29 -6.33
N MET A 217 -6.73 -8.28 -6.60
CA MET A 217 -7.22 -6.92 -6.77
C MET A 217 -6.30 -6.11 -7.68
N GLY A 218 -6.66 -4.85 -7.90
CA GLY A 218 -5.88 -3.98 -8.77
C GLY A 218 -6.14 -2.52 -8.46
N GLY A 219 -5.89 -2.14 -7.21
CA GLY A 219 -6.06 -0.76 -6.77
C GLY A 219 -7.51 -0.33 -6.72
N GLY A 220 -7.74 0.98 -6.65
CA GLY A 220 -9.09 1.51 -6.52
C GLY A 220 -9.96 1.32 -7.75
N GLU A 221 -9.36 1.17 -8.92
CA GLU A 221 -10.11 1.14 -10.18
C GLU A 221 -10.15 -0.25 -10.82
N GLY A 222 -9.62 -1.24 -10.12
CA GLY A 222 -9.70 -2.61 -10.60
C GLY A 222 -8.99 -2.85 -11.92
N MET A 223 -7.71 -2.53 -11.96
CA MET A 223 -6.91 -2.69 -13.17
C MET A 223 -6.24 -4.07 -13.18
N GLY A 224 -5.70 -4.46 -14.32
CA GLY A 224 -5.02 -5.73 -14.45
C GLY A 224 -5.91 -6.79 -15.08
N PRO A 225 -5.30 -7.87 -15.60
CA PRO A 225 -6.02 -9.00 -16.22
C PRO A 225 -6.71 -9.85 -15.15
N ILE A 226 -7.63 -9.23 -14.41
CA ILE A 226 -8.24 -9.87 -13.25
C ILE A 226 -9.06 -11.09 -13.64
N GLU A 227 -9.92 -10.96 -14.64
CA GLU A 227 -10.75 -12.08 -15.06
C GLU A 227 -9.91 -13.27 -15.53
N ALA A 228 -8.93 -12.99 -16.39
CA ALA A 228 -8.07 -14.04 -16.92
C ALA A 228 -7.34 -14.76 -15.79
N THR A 229 -6.94 -14.00 -14.77
CA THR A 229 -6.23 -14.57 -13.63
C THR A 229 -7.17 -15.40 -12.75
N ALA A 230 -8.39 -14.90 -12.56
CA ALA A 230 -9.39 -15.62 -11.78
C ALA A 230 -9.72 -16.96 -12.43
N ARG A 231 -9.87 -16.95 -13.75
CA ARG A 231 -10.10 -18.18 -14.50
C ARG A 231 -8.96 -19.18 -14.33
N ALA A 232 -7.73 -18.70 -14.49
CA ALA A 232 -6.55 -19.54 -14.32
C ALA A 232 -6.50 -20.14 -12.92
N LEU A 233 -6.83 -19.32 -11.92
CA LEU A 233 -6.82 -19.76 -10.53
C LEU A 233 -7.88 -20.83 -10.28
N ALA A 234 -9.05 -20.65 -10.90
CA ALA A 234 -10.15 -21.59 -10.73
C ALA A 234 -9.74 -22.98 -11.22
N ASP A 235 -9.03 -23.04 -12.33
CA ASP A 235 -8.56 -24.30 -12.88
C ASP A 235 -7.38 -24.86 -12.09
N ALA A 236 -6.52 -23.97 -11.59
CA ALA A 236 -5.30 -24.39 -10.92
C ALA A 236 -5.52 -24.86 -9.47
N LEU A 237 -6.56 -24.34 -8.83
CA LEU A 237 -6.84 -24.67 -7.43
C LEU A 237 -7.98 -25.66 -7.26
N TYR A 238 -8.20 -26.48 -8.28
CA TYR A 238 -9.23 -27.51 -8.22
C TYR A 238 -8.57 -28.88 -8.36
N ASP A 239 -8.67 -29.69 -7.32
CA ASP A 239 -8.09 -31.03 -7.31
C ASP A 239 -9.06 -32.04 -7.92
N LYS A 240 -8.74 -32.50 -9.13
CA LYS A 240 -9.63 -33.35 -9.92
C LYS A 240 -9.63 -34.83 -9.50
N ASN A 241 -8.87 -35.16 -8.46
CA ASN A 241 -8.81 -36.53 -7.96
C ASN A 241 -9.64 -36.70 -6.68
N LEU A 242 -9.93 -35.58 -6.02
CA LEU A 242 -10.90 -35.56 -4.93
C LEU A 242 -12.18 -34.87 -5.41
N GLY A 243 -12.12 -34.29 -6.61
CA GLY A 243 -13.24 -33.57 -7.17
C GLY A 243 -13.66 -32.39 -6.32
N GLU A 244 -12.68 -31.66 -5.79
CA GLU A 244 -12.97 -30.50 -4.95
C GLU A 244 -11.90 -29.42 -5.04
N ALA A 245 -12.18 -28.29 -4.40
CA ALA A 245 -11.29 -27.14 -4.40
C ALA A 245 -10.23 -27.30 -3.32
N VAL A 246 -8.99 -26.92 -3.64
CA VAL A 246 -7.91 -26.92 -2.67
C VAL A 246 -7.55 -25.48 -2.31
N GLY A 247 -8.23 -24.53 -2.95
CA GLY A 247 -8.04 -23.12 -2.63
C GLY A 247 -9.27 -22.31 -2.97
N GLN A 248 -9.25 -21.03 -2.62
CA GLN A 248 -10.37 -20.16 -2.93
C GLN A 248 -9.88 -18.74 -3.21
N VAL A 249 -10.75 -17.91 -3.75
CA VAL A 249 -10.35 -16.58 -4.19
C VAL A 249 -11.29 -15.51 -3.64
N LEU A 250 -10.70 -14.39 -3.23
CA LEU A 250 -11.45 -13.19 -2.87
C LEU A 250 -11.04 -12.10 -3.85
N ILE A 251 -12.00 -11.62 -4.62
CA ILE A 251 -11.71 -10.60 -5.64
C ILE A 251 -12.28 -9.26 -5.24
N ILE A 252 -11.44 -8.25 -5.20
CA ILE A 252 -11.88 -6.89 -4.92
C ILE A 252 -11.71 -6.04 -6.17
N CYS A 253 -12.83 -5.62 -6.76
CA CYS A 253 -12.83 -4.90 -8.03
C CYS A 253 -12.77 -3.39 -7.84
N GLY A 254 -12.79 -2.95 -6.59
CA GLY A 254 -12.78 -1.53 -6.31
C GLY A 254 -13.98 -0.83 -6.90
N ARG A 255 -13.73 0.14 -7.77
CA ARG A 255 -14.80 0.90 -8.40
C ARG A 255 -15.13 0.38 -9.79
N ASN A 256 -14.45 -0.68 -10.22
CA ASN A 256 -14.71 -1.25 -11.53
C ASN A 256 -16.02 -2.04 -11.53
N LYS A 257 -17.13 -1.33 -11.69
CA LYS A 257 -18.44 -1.96 -11.61
C LYS A 257 -18.68 -2.94 -12.75
N LYS A 258 -18.17 -2.61 -13.93
CA LYS A 258 -18.33 -3.47 -15.09
C LYS A 258 -17.68 -4.84 -14.84
N LEU A 259 -16.47 -4.82 -14.28
CA LEU A 259 -15.76 -6.07 -13.98
C LEU A 259 -16.51 -6.85 -12.90
N GLN A 260 -17.01 -6.13 -11.90
CA GLN A 260 -17.70 -6.74 -10.78
C GLN A 260 -18.92 -7.56 -11.23
N SER A 261 -19.68 -7.03 -12.17
CA SER A 261 -20.88 -7.72 -12.65
C SER A 261 -20.51 -8.90 -13.53
N LYS A 262 -19.51 -8.71 -14.38
CA LYS A 262 -19.01 -9.77 -15.22
C LYS A 262 -18.62 -10.98 -14.38
N LEU A 263 -17.72 -10.75 -13.42
CA LEU A 263 -17.22 -11.82 -12.56
C LEU A 263 -18.32 -12.45 -11.71
N SER A 264 -19.23 -11.62 -11.21
CA SER A 264 -20.30 -12.09 -10.34
C SER A 264 -21.31 -12.96 -11.07
N SER A 265 -21.41 -12.81 -12.39
CA SER A 265 -22.42 -13.54 -13.17
C SER A 265 -21.93 -14.92 -13.60
N LEU A 266 -20.64 -15.18 -13.41
CA LEU A 266 -20.06 -16.45 -13.82
C LEU A 266 -20.12 -17.49 -12.71
N ASP A 267 -20.33 -18.75 -13.09
CA ASP A 267 -20.18 -19.86 -12.17
C ASP A 267 -18.70 -20.22 -12.05
N TRP A 268 -18.21 -20.27 -10.82
CA TRP A 268 -16.83 -20.64 -10.56
C TRP A 268 -16.80 -22.01 -9.90
N LYS A 269 -15.83 -22.85 -10.27
CA LYS A 269 -15.80 -24.21 -9.74
C LYS A 269 -15.02 -24.32 -8.42
N ILE A 270 -14.45 -23.21 -7.98
CA ILE A 270 -13.96 -23.09 -6.60
C ILE A 270 -14.66 -21.90 -5.95
N PRO A 271 -14.65 -21.84 -4.61
CA PRO A 271 -15.29 -20.69 -3.95
C PRO A 271 -14.64 -19.37 -4.39
N VAL A 272 -15.44 -18.47 -4.96
CA VAL A 272 -14.96 -17.17 -5.39
C VAL A 272 -15.92 -16.08 -4.94
N GLN A 273 -15.43 -15.15 -4.12
CA GLN A 273 -16.23 -14.02 -3.69
C GLN A 273 -15.81 -12.79 -4.47
N VAL A 274 -16.79 -12.15 -5.11
CA VAL A 274 -16.55 -10.90 -5.84
C VAL A 274 -17.11 -9.72 -5.07
N LYS A 275 -16.25 -8.77 -4.72
CA LYS A 275 -16.66 -7.56 -4.01
C LYS A 275 -16.39 -6.34 -4.90
N GLY A 276 -16.95 -5.21 -4.52
CA GLY A 276 -16.81 -3.98 -5.28
C GLY A 276 -15.74 -3.14 -4.64
N PHE A 277 -16.15 -2.02 -4.03
CA PHE A 277 -15.20 -1.21 -3.29
C PHE A 277 -15.27 -1.54 -1.80
N ILE A 278 -14.11 -1.90 -1.25
CA ILE A 278 -14.00 -2.28 0.15
C ILE A 278 -13.38 -1.15 0.97
N THR A 279 -13.95 -0.87 2.14
CA THR A 279 -13.39 0.14 3.03
C THR A 279 -12.60 -0.52 4.16
N LYS A 280 -13.01 -1.72 4.55
CA LYS A 280 -12.30 -2.48 5.58
C LYS A 280 -11.32 -3.48 4.96
N MET A 281 -10.37 -2.96 4.18
CA MET A 281 -9.36 -3.78 3.54
C MET A 281 -8.67 -4.66 4.59
N GLU A 282 -8.41 -4.09 5.76
N GLU A 282 -8.38 -4.03 5.73
CA GLU A 282 -7.76 -4.83 6.83
CA GLU A 282 -7.94 -4.70 6.94
C GLU A 282 -8.40 -6.20 7.05
C GLU A 282 -8.42 -6.13 7.03
N GLU A 283 -9.73 -6.29 6.97
CA GLU A 283 -10.39 -7.57 7.17
C GLU A 283 -10.23 -8.47 5.96
N CYS A 284 -10.40 -7.91 4.77
CA CYS A 284 -10.25 -8.68 3.55
C CYS A 284 -8.87 -9.33 3.48
N MET A 285 -7.83 -8.57 3.78
CA MET A 285 -6.47 -9.11 3.75
C MET A 285 -6.23 -10.10 4.88
N GLY A 286 -6.88 -9.85 6.01
CA GLY A 286 -6.77 -10.73 7.17
C GLY A 286 -7.36 -12.11 6.92
N ALA A 287 -8.32 -12.18 5.99
CA ALA A 287 -8.97 -13.44 5.66
C ALA A 287 -8.12 -14.30 4.71
N CYS A 288 -7.11 -13.71 4.09
CA CYS A 288 -6.40 -14.36 3.00
C CYS A 288 -4.98 -14.80 3.38
N ASP A 289 -4.35 -15.55 2.48
CA ASP A 289 -3.03 -16.14 2.73
C ASP A 289 -1.95 -15.60 1.78
N CYS A 290 -2.38 -14.97 0.70
CA CYS A 290 -1.46 -14.25 -0.19
C CYS A 290 -2.27 -13.32 -1.06
N ILE A 291 -1.60 -12.51 -1.88
CA ILE A 291 -2.29 -11.50 -2.67
C ILE A 291 -1.69 -11.31 -4.06
N ILE A 292 -2.56 -11.12 -5.04
CA ILE A 292 -2.15 -10.77 -6.40
C ILE A 292 -2.61 -9.36 -6.68
N THR A 293 -1.68 -8.51 -7.12
CA THR A 293 -1.98 -7.10 -7.33
C THR A 293 -0.91 -6.45 -8.19
N LYS A 294 -1.27 -5.33 -8.83
CA LYS A 294 -0.29 -4.47 -9.46
C LYS A 294 0.53 -3.79 -8.37
N ALA A 295 1.72 -3.31 -8.73
CA ALA A 295 2.69 -2.86 -7.73
C ALA A 295 2.37 -1.47 -7.15
N GLY A 296 1.15 -1.29 -6.66
CA GLY A 296 0.79 -0.07 -5.95
C GLY A 296 1.43 -0.05 -4.57
N PRO A 297 2.10 1.06 -4.21
CA PRO A 297 2.80 1.18 -2.93
C PRO A 297 1.89 0.99 -1.71
N GLY A 298 0.69 1.58 -1.77
CA GLY A 298 -0.27 1.45 -0.69
C GLY A 298 -0.64 0.01 -0.42
N THR A 299 -1.01 -0.71 -1.46
CA THR A 299 -1.43 -2.10 -1.33
C THR A 299 -0.28 -2.97 -0.84
N ILE A 300 0.91 -2.71 -1.37
CA ILE A 300 2.11 -3.44 -0.95
C ILE A 300 2.35 -3.27 0.56
N ALA A 301 2.31 -2.04 1.04
CA ALA A 301 2.53 -1.77 2.46
C ALA A 301 1.45 -2.42 3.32
N GLU A 302 0.21 -2.35 2.85
CA GLU A 302 -0.92 -2.94 3.56
C GLU A 302 -0.79 -4.45 3.62
N ALA A 303 -0.38 -5.06 2.51
CA ALA A 303 -0.24 -6.50 2.43
C ALA A 303 0.82 -6.99 3.40
N MET A 304 1.91 -6.23 3.52
CA MET A 304 3.00 -6.63 4.39
C MET A 304 2.60 -6.56 5.87
N ILE A 305 1.83 -5.54 6.23
CA ILE A 305 1.29 -5.42 7.59
C ILE A 305 0.42 -6.63 7.93
N ARG A 306 -0.25 -7.18 6.92
CA ARG A 306 -1.11 -8.35 7.12
C ARG A 306 -0.39 -9.66 6.84
N GLY A 307 0.93 -9.59 6.67
CA GLY A 307 1.73 -10.78 6.47
C GLY A 307 1.35 -11.55 5.22
N LEU A 308 0.94 -10.82 4.19
CA LEU A 308 0.52 -11.44 2.93
C LEU A 308 1.65 -11.44 1.91
N PRO A 309 2.18 -12.62 1.58
CA PRO A 309 3.14 -12.71 0.47
C PRO A 309 2.50 -12.19 -0.82
N ILE A 310 3.27 -11.47 -1.62
CA ILE A 310 2.72 -10.72 -2.75
C ILE A 310 3.17 -11.28 -4.08
N ILE A 311 2.21 -11.50 -4.98
CA ILE A 311 2.53 -11.75 -6.37
C ILE A 311 2.20 -10.49 -7.15
N LEU A 312 3.24 -9.75 -7.55
CA LEU A 312 3.06 -8.56 -8.38
C LEU A 312 2.83 -8.98 -9.82
N ASN A 313 1.76 -8.48 -10.43
CA ASN A 313 1.41 -8.87 -11.78
C ASN A 313 1.64 -7.77 -12.80
N GLY A 314 2.31 -6.72 -12.38
CA GLY A 314 2.58 -5.59 -13.25
C GLY A 314 2.67 -4.31 -12.44
N TYR A 315 2.84 -3.19 -13.15
CA TYR A 315 2.97 -1.90 -12.50
C TYR A 315 2.66 -0.78 -13.49
N ILE A 316 2.17 0.35 -12.96
CA ILE A 316 1.91 1.52 -13.79
C ILE A 316 3.24 2.16 -14.18
N ALA A 317 3.40 2.42 -15.48
CA ALA A 317 4.67 2.89 -16.02
C ALA A 317 5.14 4.17 -15.33
N GLY A 318 6.42 4.19 -14.95
CA GLY A 318 6.97 5.33 -14.23
C GLY A 318 6.67 5.27 -12.74
N GLN A 319 5.39 5.41 -12.41
CA GLN A 319 4.94 5.53 -11.02
C GLN A 319 5.34 4.38 -10.10
N GLU A 320 5.23 3.14 -10.59
CA GLU A 320 5.27 1.97 -9.71
C GLU A 320 6.40 0.97 -10.00
N ALA A 321 7.33 1.34 -10.87
CA ALA A 321 8.38 0.41 -11.29
C ALA A 321 9.33 0.06 -10.13
N GLY A 322 9.72 1.07 -9.37
CA GLY A 322 10.70 0.90 -8.31
C GLY A 322 10.21 0.07 -7.14
N ASN A 323 8.94 -0.29 -7.14
CA ASN A 323 8.34 -1.05 -6.04
C ASN A 323 8.55 -2.55 -6.19
N VAL A 324 8.80 -3.01 -7.41
CA VAL A 324 8.96 -4.43 -7.68
C VAL A 324 10.15 -5.05 -6.95
N PRO A 325 11.33 -4.41 -7.03
CA PRO A 325 12.50 -4.98 -6.37
C PRO A 325 12.34 -5.00 -4.85
N TYR A 326 11.64 -4.00 -4.31
CA TYR A 326 11.42 -3.92 -2.87
C TYR A 326 10.71 -5.16 -2.34
N VAL A 327 9.81 -5.71 -3.14
CA VAL A 327 9.07 -6.91 -2.75
C VAL A 327 9.90 -8.17 -2.98
N VAL A 328 10.51 -8.26 -4.16
CA VAL A 328 11.24 -9.46 -4.55
C VAL A 328 12.56 -9.60 -3.79
N GLU A 329 13.33 -8.52 -3.75
CA GLU A 329 14.65 -8.54 -3.08
C GLU A 329 14.54 -8.83 -1.57
N ASN A 330 13.42 -8.44 -0.97
CA ASN A 330 13.25 -8.62 0.46
C ASN A 330 12.53 -9.91 0.81
N GLY A 331 12.35 -10.78 -0.17
CA GLY A 331 11.76 -12.08 0.05
C GLY A 331 10.28 -12.02 0.42
N CYS A 332 9.58 -10.99 -0.03
CA CYS A 332 8.17 -10.81 0.32
C CYS A 332 7.21 -11.20 -0.79
N GLY A 333 7.74 -11.66 -1.92
CA GLY A 333 6.89 -12.07 -3.02
C GLY A 333 7.62 -12.34 -4.32
N LYS A 334 6.84 -12.41 -5.39
CA LYS A 334 7.36 -12.70 -6.71
C LYS A 334 6.71 -11.78 -7.73
N PHE A 335 7.26 -11.78 -8.95
CA PHE A 335 6.72 -10.97 -10.03
C PHE A 335 6.45 -11.84 -11.25
N SER A 336 5.28 -11.64 -11.86
CA SER A 336 4.91 -12.40 -13.05
C SER A 336 3.70 -11.77 -13.71
N LYS A 337 3.78 -11.57 -15.02
CA LYS A 337 2.69 -10.93 -15.75
C LYS A 337 1.74 -11.94 -16.37
N SER A 338 2.06 -13.21 -16.24
CA SER A 338 1.25 -14.26 -16.85
C SER A 338 0.20 -14.79 -15.87
N PRO A 339 -1.09 -14.63 -16.21
CA PRO A 339 -2.18 -15.18 -15.39
C PRO A 339 -1.98 -16.66 -15.08
N LYS A 340 -1.54 -17.42 -16.08
CA LYS A 340 -1.32 -18.86 -15.90
C LYS A 340 -0.18 -19.13 -14.91
N GLU A 341 0.93 -18.42 -15.08
CA GLU A 341 2.09 -18.60 -14.20
C GLU A 341 1.76 -18.16 -12.77
N ILE A 342 1.03 -17.07 -12.64
CA ILE A 342 0.58 -16.60 -11.34
C ILE A 342 -0.23 -17.69 -10.63
N SER A 343 -1.16 -18.31 -11.35
CA SER A 343 -2.01 -19.33 -10.75
C SER A 343 -1.18 -20.55 -10.34
N LYS A 344 -0.09 -20.80 -11.07
CA LYS A 344 0.84 -21.88 -10.73
C LYS A 344 1.56 -21.60 -9.42
N ILE A 345 1.97 -20.35 -9.22
CA ILE A 345 2.64 -19.95 -8.00
C ILE A 345 1.72 -20.13 -6.79
N VAL A 346 0.46 -19.73 -6.95
CA VAL A 346 -0.51 -19.85 -5.86
C VAL A 346 -0.79 -21.31 -5.52
N ALA A 347 -1.02 -22.13 -6.54
CA ALA A 347 -1.26 -23.55 -6.31
C ALA A 347 -0.05 -24.18 -5.62
N ASP A 348 1.14 -23.70 -5.97
CA ASP A 348 2.38 -24.17 -5.38
C ASP A 348 2.42 -23.78 -3.91
N TRP A 349 2.15 -22.50 -3.63
CA TRP A 349 2.15 -21.99 -2.27
C TRP A 349 1.10 -22.68 -1.42
N PHE A 350 -0.06 -22.97 -2.01
CA PHE A 350 -1.15 -23.59 -1.27
C PHE A 350 -0.98 -25.12 -1.18
N GLY A 351 0.02 -25.64 -1.87
CA GLY A 351 0.28 -27.07 -1.83
C GLY A 351 1.68 -27.43 -1.34
N PRO A 352 2.53 -27.92 -2.25
CA PRO A 352 3.86 -28.46 -1.91
C PRO A 352 4.87 -27.41 -1.43
N ALA A 353 4.61 -26.13 -1.70
CA ALA A 353 5.56 -25.08 -1.32
C ALA A 353 5.03 -24.20 -0.20
N SER A 354 4.22 -24.79 0.70
CA SER A 354 3.63 -24.06 1.80
C SER A 354 4.69 -23.48 2.73
N LYS A 355 5.80 -24.18 2.87
CA LYS A 355 6.89 -23.73 3.73
C LYS A 355 7.38 -22.37 3.25
N GLU A 356 7.62 -22.26 1.95
CA GLU A 356 8.06 -21.00 1.36
C GLU A 356 7.06 -19.89 1.63
N LEU A 357 5.78 -20.19 1.52
CA LEU A 357 4.73 -19.20 1.76
C LEU A 357 4.86 -18.61 3.17
N GLU A 358 5.05 -19.48 4.16
CA GLU A 358 5.17 -19.03 5.55
C GLU A 358 6.37 -18.12 5.74
N ILE A 359 7.50 -18.52 5.16
CA ILE A 359 8.74 -17.74 5.26
C ILE A 359 8.54 -16.35 4.66
N MET A 360 7.89 -16.27 3.50
CA MET A 360 7.63 -14.98 2.87
C MET A 360 6.68 -14.16 3.73
N SER A 361 5.71 -14.82 4.34
CA SER A 361 4.79 -14.17 5.24
C SER A 361 5.56 -13.54 6.41
N GLN A 362 6.48 -14.30 6.99
CA GLN A 362 7.29 -13.81 8.10
C GLN A 362 8.15 -12.63 7.65
N ASN A 363 8.75 -12.73 6.47
CA ASN A 363 9.54 -11.64 5.93
C ASN A 363 8.69 -10.38 5.83
N ALA A 364 7.46 -10.54 5.36
CA ALA A 364 6.54 -9.42 5.17
C ALA A 364 6.26 -8.72 6.50
N LEU A 365 6.00 -9.52 7.53
CA LEU A 365 5.69 -8.99 8.85
C LEU A 365 6.88 -8.24 9.47
N ARG A 366 8.08 -8.78 9.27
CA ARG A 366 9.29 -8.13 9.79
C ARG A 366 9.50 -6.75 9.19
N LEU A 367 9.06 -6.56 7.94
CA LEU A 367 9.26 -5.30 7.24
C LEU A 367 8.05 -4.38 7.38
N ALA A 368 6.95 -4.93 7.90
CA ALA A 368 5.72 -4.16 8.04
C ALA A 368 5.94 -2.96 8.96
N LYS A 369 5.32 -1.84 8.62
CA LYS A 369 5.44 -0.63 9.43
C LYS A 369 4.07 -0.05 9.75
N PRO A 370 3.29 -0.75 10.60
CA PRO A 370 1.91 -0.40 10.91
C PRO A 370 1.73 0.99 11.54
N GLU A 371 2.68 1.43 12.36
CA GLU A 371 2.55 2.71 13.06
C GLU A 371 3.07 3.88 12.22
N ALA A 372 3.46 3.59 10.99
CA ALA A 372 4.11 4.57 10.13
C ALA A 372 3.43 5.94 10.20
N VAL A 373 2.14 5.99 9.86
CA VAL A 373 1.43 7.25 9.71
C VAL A 373 1.36 8.02 11.04
N PHE A 374 1.32 7.30 12.15
CA PHE A 374 1.28 7.93 13.47
C PHE A 374 2.59 8.64 13.79
N LYS A 375 3.70 7.93 13.65
CA LYS A 375 5.00 8.50 13.92
C LYS A 375 5.27 9.71 13.03
N ILE A 376 4.79 9.64 11.79
CA ILE A 376 5.01 10.71 10.83
C ILE A 376 4.35 12.02 11.28
N VAL A 377 3.05 11.97 11.54
CA VAL A 377 2.31 13.18 11.91
C VAL A 377 2.71 13.72 13.28
N HIS A 378 3.02 12.84 14.22
CA HIS A 378 3.51 13.27 15.53
C HIS A 378 4.80 14.04 15.37
N ASP A 379 5.66 13.55 14.49
CA ASP A 379 6.91 14.24 14.21
C ASP A 379 6.60 15.58 13.54
N MET A 380 5.56 15.59 12.73
CA MET A 380 5.08 16.81 12.09
C MET A 380 4.54 17.78 13.14
N HIS A 381 3.94 17.24 14.19
CA HIS A 381 3.41 18.05 15.28
C HIS A 381 4.54 18.71 16.06
N GLU A 382 5.48 17.89 16.52
CA GLU A 382 6.64 18.41 17.24
C GLU A 382 7.42 19.41 16.39
N LEU A 383 7.18 19.41 15.08
CA LEU A 383 7.85 20.33 14.18
C LEU A 383 7.21 21.73 14.14
N VAL A 384 5.89 21.79 14.06
CA VAL A 384 5.20 23.08 14.02
C VAL A 384 5.22 23.71 15.41
N ARG A 385 5.13 22.87 16.43
CA ARG A 385 5.21 23.34 17.81
C ARG A 385 6.50 24.13 18.06
N LYS A 386 7.49 23.97 17.18
CA LYS A 386 8.80 24.59 17.38
C LYS A 386 9.24 25.54 16.26
N LYS A 387 8.41 25.71 15.23
CA LYS A 387 8.69 26.71 14.19
C LYS A 387 7.93 28.00 14.47
N ASN A 388 6.75 27.88 15.09
CA ASN A 388 6.06 29.04 15.63
C ASN A 388 6.61 29.39 17.01
N SER A 389 7.71 28.74 17.37
CA SER A 389 8.40 28.96 18.64
C SER A 389 7.80 28.10 19.75
#